data_4RJD
#
_entry.id   4RJD
#
_cell.length_a   24.606
_cell.length_b   85.637
_cell.length_c   35.341
_cell.angle_alpha   90.00
_cell.angle_beta   93.00
_cell.angle_gamma   90.00
#
_symmetry.space_group_name_H-M   'P 1 21 1'
#
loop_
_entity.id
_entity.type
_entity.pdbx_description
1 polymer Calmodulin
2 non-polymer 'CALCIUM ION'
3 non-polymer 10-[3-(4-METHYL-PIPERAZIN-1-YL)-PROPYL]-2-TRIFLUOROMETHYL-10H-PHENOTHIAZINE
4 non-polymer 'PENTAETHYLENE GLYCOL'
5 non-polymer 'CHLORIDE ION'
6 non-polymer 'OXALATE ION'
7 non-polymer 'THIOCYANATE ION'
8 water water
#
_entity_poly.entity_id   1
_entity_poly.type   'polypeptide(L)'
_entity_poly.pdbx_seq_one_letter_code
;EEEIREAFRVFDKDGNGYISAAELRHVMTNLGEKLTDEEVDEMIREADIDGDGQVNYEEFVQMMTA
;
_entity_poly.pdbx_strand_id   A,B
#
# COMPACT_ATOMS: atom_id res chain seq x y z
N GLU A 1 12.95 12.85 10.50
CA GLU A 1 12.83 11.75 9.56
C GLU A 1 12.30 12.21 8.20
N GLU A 2 13.09 11.98 7.17
CA GLU A 2 12.77 12.48 5.85
C GLU A 2 11.74 11.58 5.15
N GLU A 3 11.68 10.32 5.55
CA GLU A 3 10.70 9.40 4.98
C GLU A 3 9.30 9.88 5.33
N ILE A 4 9.16 10.41 6.54
CA ILE A 4 7.88 10.90 7.04
C ILE A 4 7.44 12.13 6.26
N ARG A 5 8.36 13.06 5.98
CA ARG A 5 8.02 14.24 5.17
C ARG A 5 7.54 13.83 3.78
N GLU A 6 8.20 12.84 3.18
CA GLU A 6 7.78 12.34 1.86
C GLU A 6 6.37 11.73 1.90
N ALA A 7 6.10 10.96 2.94
CA ALA A 7 4.81 10.29 3.07
C ALA A 7 3.72 11.33 3.30
N PHE A 8 4.03 12.40 4.02
CA PHE A 8 3.08 13.50 4.14
C PHE A 8 2.72 14.12 2.76
N ARG A 9 3.73 14.42 1.94
CA ARG A 9 3.48 14.95 0.59
C ARG A 9 2.65 14.02 -0.25
N VAL A 10 2.87 12.72 -0.08
CA VAL A 10 2.07 11.77 -0.83
C VAL A 10 0.61 11.94 -0.47
N PHE A 11 0.32 11.97 0.83
CA PHE A 11 -1.09 12.01 1.26
C PHE A 11 -1.75 13.35 1.05
N ASP A 12 -0.98 14.42 1.15
CA ASP A 12 -1.52 15.77 0.98
C ASP A 12 -1.58 16.08 -0.53
N LYS A 13 -2.59 15.55 -1.20
CA LYS A 13 -2.61 15.52 -2.66
C LYS A 13 -2.49 16.87 -3.33
N ASP A 14 -3.15 17.88 -2.78
CA ASP A 14 -3.15 19.20 -3.42
C ASP A 14 -2.03 20.10 -2.89
N GLY A 15 -1.18 19.55 -2.01
CA GLY A 15 -0.02 20.27 -1.50
C GLY A 15 -0.27 21.44 -0.56
N ASN A 16 -1.50 21.59 -0.06
CA ASN A 16 -1.88 22.77 0.76
C ASN A 16 -1.51 22.67 2.25
N GLY A 17 -0.81 21.60 2.61
CA GLY A 17 -0.33 21.51 3.98
C GLY A 17 -1.28 20.80 4.93
N TYR A 18 -2.39 20.32 4.42
CA TYR A 18 -3.40 19.61 5.22
C TYR A 18 -3.90 18.37 4.51
N ILE A 19 -4.00 17.27 5.24
CA ILE A 19 -4.57 16.04 4.65
C ILE A 19 -6.04 16.07 4.97
N SER A 20 -6.87 16.19 3.94
CA SER A 20 -8.33 16.14 4.13
C SER A 20 -8.86 14.71 4.10
N ALA A 21 -10.09 14.51 4.58
CA ALA A 21 -10.67 13.17 4.55
C ALA A 21 -10.76 12.67 3.11
N ALA A 22 -11.07 13.54 2.17
CA ALA A 22 -11.17 13.10 0.77
C ALA A 22 -9.81 12.68 0.22
N GLU A 23 -8.73 13.33 0.63
CA GLU A 23 -7.42 12.98 0.09
C GLU A 23 -7.04 11.65 0.64
N LEU A 24 -7.31 11.50 1.93
CA LEU A 24 -6.97 10.25 2.60
C LEU A 24 -7.71 9.09 1.97
N ARG A 25 -9.00 9.28 1.68
CA ARG A 25 -9.81 8.24 1.08
C ARG A 25 -9.30 7.87 -0.32
N HIS A 26 -8.93 8.87 -1.12
CA HIS A 26 -8.45 8.62 -2.49
C HIS A 26 -7.11 7.92 -2.49
N VAL A 27 -6.22 8.30 -1.57
CA VAL A 27 -4.94 7.63 -1.48
C VAL A 27 -5.10 6.15 -1.04
N MET A 28 -5.95 5.92 -0.04
CA MET A 28 -6.17 4.55 0.42
C MET A 28 -6.76 3.69 -0.68
N THR A 29 -7.66 4.29 -1.46
CA THR A 29 -8.20 3.60 -2.62
C THR A 29 -7.11 3.31 -3.68
N ASN A 30 -6.21 4.26 -3.93
CA ASN A 30 -5.07 3.98 -4.83
C ASN A 30 -4.24 2.80 -4.35
N LEU A 31 -4.14 2.65 -3.04
CA LEU A 31 -3.33 1.59 -2.44
C LEU A 31 -4.12 0.29 -2.42
N GLY A 32 -5.42 0.37 -2.71
CA GLY A 32 -6.28 -0.79 -2.80
C GLY A 32 -7.04 -1.06 -1.53
N GLU A 33 -7.10 -0.06 -0.66
CA GLU A 33 -7.80 -0.19 0.61
C GLU A 33 -9.02 0.69 0.55
N LYS A 34 -10.17 0.09 0.26
CA LYS A 34 -11.36 0.90 0.05
C LYS A 34 -12.03 1.13 1.39
N LEU A 35 -12.22 2.41 1.72
CA LEU A 35 -12.68 2.82 3.04
C LEU A 35 -13.87 3.71 2.86
N THR A 36 -14.74 3.77 3.86
CA THR A 36 -15.93 4.60 3.80
C THR A 36 -15.57 5.97 4.36
N ASP A 37 -16.41 6.98 4.13
CA ASP A 37 -16.15 8.26 4.76
C ASP A 37 -16.07 8.11 6.30
N GLU A 38 -17.03 7.37 6.87
CA GLU A 38 -17.09 7.16 8.32
C GLU A 38 -15.75 6.68 8.81
N GLU A 39 -15.13 5.79 8.03
CA GLU A 39 -13.84 5.23 8.38
C GLU A 39 -12.73 6.27 8.27
N VAL A 40 -12.63 6.96 7.16
CA VAL A 40 -11.53 7.91 7.07
C VAL A 40 -11.74 9.10 7.98
N ASP A 41 -13.00 9.43 8.30
CA ASP A 41 -13.30 10.47 9.29
C ASP A 41 -12.78 10.13 10.67
N GLU A 42 -12.94 8.86 11.05
CA GLU A 42 -12.46 8.36 12.31
C GLU A 42 -10.91 8.40 12.35
N MET A 43 -10.23 7.98 11.28
CA MET A 43 -8.76 8.05 11.29
C MET A 43 -8.30 9.50 11.47
N ILE A 44 -8.97 10.42 10.77
CA ILE A 44 -8.65 11.83 10.90
C ILE A 44 -8.90 12.33 12.34
N ARG A 45 -10.07 12.04 12.91
CA ARG A 45 -10.37 12.53 14.28
C ARG A 45 -9.32 12.06 15.28
N GLU A 46 -8.79 10.86 15.09
CA GLU A 46 -7.74 10.32 15.97
C GLU A 46 -6.46 11.13 15.92
N ALA A 47 -6.14 11.67 14.74
CA ALA A 47 -4.95 12.47 14.54
C ALA A 47 -5.19 13.98 14.67
N ASP A 48 -6.43 14.42 14.58
CA ASP A 48 -6.74 15.87 14.52
C ASP A 48 -6.68 16.58 15.89
N ILE A 49 -5.49 16.88 16.38
CA ILE A 49 -5.37 17.50 17.69
C ILE A 49 -5.98 18.92 17.80
N ASP A 50 -5.81 19.76 16.76
CA ASP A 50 -6.36 21.12 16.80
C ASP A 50 -7.82 21.18 16.32
N GLY A 51 -8.40 20.00 16.07
CA GLY A 51 -9.82 19.89 15.75
C GLY A 51 -10.32 20.61 14.50
N ASP A 52 -9.42 20.96 13.57
CA ASP A 52 -9.86 21.66 12.35
C ASP A 52 -10.40 20.72 11.25
N GLY A 53 -10.48 19.43 11.54
CA GLY A 53 -11.06 18.47 10.63
C GLY A 53 -10.09 17.95 9.57
N GLN A 54 -8.81 18.33 9.69
CA GLN A 54 -7.75 17.95 8.75
C GLN A 54 -6.47 17.56 9.48
N VAL A 55 -5.54 16.89 8.81
CA VAL A 55 -4.30 16.52 9.49
C VAL A 55 -3.15 17.34 8.93
N ASN A 56 -2.56 18.27 9.71
CA ASN A 56 -1.38 18.97 9.21
C ASN A 56 -0.11 18.13 9.49
N TYR A 57 1.07 18.65 9.16
CA TYR A 57 2.30 17.85 9.30
C TYR A 57 2.64 17.62 10.75
N GLU A 58 2.40 18.62 11.57
CA GLU A 58 2.69 18.50 13.00
C GLU A 58 1.89 17.34 13.60
N GLU A 59 0.62 17.27 13.23
CA GLU A 59 -0.29 16.21 13.70
C GLU A 59 0.12 14.86 13.13
N PHE A 60 0.48 14.87 11.85
CA PHE A 60 0.89 13.67 11.12
C PHE A 60 2.10 12.99 11.77
N VAL A 61 3.14 13.76 12.10
CA VAL A 61 4.30 13.19 12.78
C VAL A 61 3.97 12.58 14.16
N GLN A 62 3.10 13.26 14.91
CA GLN A 62 2.72 12.78 16.22
C GLN A 62 2.06 11.42 16.09
N MET A 63 1.23 11.30 15.05
CA MET A 63 0.49 10.08 14.84
C MET A 63 1.41 8.94 14.42
N MET A 64 2.41 9.28 13.61
CA MET A 64 3.24 8.28 12.95
C MET A 64 4.36 7.76 13.82
N THR A 65 4.55 8.40 14.98
CA THR A 65 5.71 8.12 15.81
C THR A 65 5.34 7.92 17.28
N ALA A 66 4.05 7.91 17.57
CA ALA A 66 3.58 7.64 18.93
C ALA A 66 2.81 6.33 18.98
N GLU B 1 -3.69 -7.50 -19.97
CA GLU B 1 -2.93 -6.53 -20.74
C GLU B 1 -1.43 -6.88 -20.73
N GLU B 2 -0.73 -6.43 -21.76
CA GLU B 2 0.70 -6.74 -21.90
C GLU B 2 1.50 -6.28 -20.69
N GLU B 3 1.12 -5.14 -20.13
CA GLU B 3 1.84 -4.58 -18.99
C GLU B 3 1.87 -5.57 -17.83
N ILE B 4 0.72 -6.18 -17.57
CA ILE B 4 0.60 -7.10 -16.46
C ILE B 4 1.38 -8.42 -16.67
N ARG B 5 1.25 -9.00 -17.86
CA ARG B 5 2.05 -10.17 -18.23
C ARG B 5 3.54 -9.91 -18.04
N GLU B 6 3.96 -8.71 -18.42
CA GLU B 6 5.34 -8.30 -18.29
C GLU B 6 5.75 -8.24 -16.81
N ALA B 7 4.90 -7.63 -16.00
CA ALA B 7 5.18 -7.54 -14.57
C ALA B 7 5.20 -8.93 -13.96
N PHE B 8 4.33 -9.83 -14.44
CA PHE B 8 4.34 -11.17 -13.90
C PHE B 8 5.65 -11.91 -14.17
N ARG B 9 6.22 -11.75 -15.36
CA ARG B 9 7.51 -12.38 -15.69
C ARG B 9 8.61 -11.92 -14.76
N VAL B 10 8.52 -10.66 -14.36
CA VAL B 10 9.54 -10.04 -13.52
C VAL B 10 9.53 -10.67 -12.14
N PHE B 11 8.34 -10.84 -11.60
CA PHE B 11 8.18 -11.29 -10.23
C PHE B 11 8.38 -12.79 -10.11
N ASP B 12 7.89 -13.54 -11.09
CA ASP B 12 8.13 -14.98 -11.12
C ASP B 12 9.60 -15.26 -11.49
N LYS B 13 10.50 -15.00 -10.55
CA LYS B 13 11.92 -15.08 -10.83
C LYS B 13 12.36 -16.40 -11.42
N ASP B 14 11.89 -17.53 -10.88
CA ASP B 14 12.36 -18.80 -11.48
C ASP B 14 11.49 -19.28 -12.63
N GLY B 15 10.52 -18.47 -13.04
CA GLY B 15 9.72 -18.76 -14.23
C GLY B 15 8.83 -20.00 -14.15
N ASN B 16 8.52 -20.48 -12.95
CA ASN B 16 7.74 -21.73 -12.82
C ASN B 16 6.21 -21.48 -12.82
N GLY B 17 5.80 -20.26 -13.10
CA GLY B 17 4.38 -19.98 -13.23
C GLY B 17 3.72 -19.50 -11.96
N TYR B 18 4.48 -19.43 -10.85
CA TYR B 18 3.91 -18.99 -9.57
C TYR B 18 4.86 -18.01 -8.90
N ILE B 19 4.32 -16.92 -8.36
CA ILE B 19 5.13 -16.04 -7.53
C ILE B 19 5.05 -16.50 -6.09
N SER B 20 6.23 -16.67 -5.49
CA SER B 20 6.38 -17.14 -4.13
C SER B 20 6.64 -15.95 -3.23
N ALA B 21 6.55 -16.16 -1.92
CA ALA B 21 6.82 -15.06 -1.00
C ALA B 21 8.26 -14.59 -1.19
N ALA B 22 9.16 -15.55 -1.38
CA ALA B 22 10.58 -15.27 -1.52
C ALA B 22 10.85 -14.48 -2.78
N GLU B 23 10.12 -14.79 -3.84
CA GLU B 23 10.33 -14.11 -5.11
C GLU B 23 9.83 -12.68 -4.99
N LEU B 24 8.66 -12.53 -4.38
CA LEU B 24 8.14 -11.20 -4.07
C LEU B 24 9.15 -10.35 -3.27
N ARG B 25 9.67 -10.92 -2.18
CA ARG B 25 10.65 -10.23 -1.34
C ARG B 25 11.91 -9.93 -2.10
N HIS B 26 12.33 -10.89 -2.93
CA HIS B 26 13.52 -10.73 -3.76
C HIS B 26 13.42 -9.50 -4.64
N VAL B 27 12.29 -9.34 -5.33
CA VAL B 27 12.16 -8.20 -6.20
C VAL B 27 12.14 -6.90 -5.39
N MET B 28 11.41 -6.92 -4.29
CA MET B 28 11.32 -5.74 -3.46
C MET B 28 12.69 -5.34 -2.91
N THR B 29 13.46 -6.32 -2.44
CA THR B 29 14.82 -6.06 -1.96
C THR B 29 15.59 -5.24 -2.99
N ASN B 30 15.39 -5.56 -4.25
CA ASN B 30 16.14 -4.87 -5.30
C ASN B 30 15.60 -3.47 -5.59
N LEU B 31 14.37 -3.23 -5.14
CA LEU B 31 13.76 -1.92 -5.28
C LEU B 31 14.02 -1.04 -4.06
N GLY B 32 14.91 -1.51 -3.18
CA GLY B 32 15.34 -0.71 -2.03
C GLY B 32 14.50 -0.91 -0.79
N GLU B 33 13.43 -1.69 -0.93
CA GLU B 33 12.55 -2.02 0.18
C GLU B 33 13.06 -3.29 0.85
N LYS B 34 12.80 -3.43 2.14
CA LYS B 34 13.33 -4.57 2.88
C LYS B 34 12.24 -5.24 3.69
N LEU B 35 11.34 -5.92 2.99
CA LEU B 35 10.15 -6.51 3.60
C LEU B 35 10.48 -7.71 4.47
N THR B 36 9.78 -7.85 5.58
CA THR B 36 9.95 -9.05 6.43
C THR B 36 9.24 -10.22 5.81
N ASP B 37 9.68 -11.43 6.16
CA ASP B 37 9.00 -12.63 5.70
C ASP B 37 7.52 -12.60 6.13
N GLU B 38 7.27 -12.01 7.29
CA GLU B 38 5.92 -11.94 7.82
C GLU B 38 5.02 -11.08 6.91
N GLU B 39 5.60 -10.01 6.39
CA GLU B 39 4.92 -9.12 5.46
C GLU B 39 4.69 -9.75 4.10
N VAL B 40 5.67 -10.44 3.53
CA VAL B 40 5.45 -11.00 2.19
C VAL B 40 4.57 -12.24 2.27
N ASP B 41 4.61 -12.94 3.39
CA ASP B 41 3.70 -14.07 3.61
C ASP B 41 2.25 -13.60 3.57
N GLU B 42 1.99 -12.47 4.21
CA GLU B 42 0.67 -11.86 4.21
C GLU B 42 0.21 -11.44 2.84
N MET B 43 1.12 -10.81 2.12
CA MET B 43 0.81 -10.29 0.79
C MET B 43 0.49 -11.42 -0.18
N ILE B 44 1.24 -12.51 -0.08
CA ILE B 44 1.00 -13.70 -0.88
C ILE B 44 -0.37 -14.27 -0.50
N ARG B 45 -0.58 -14.44 0.80
CA ARG B 45 -1.81 -15.04 1.29
C ARG B 45 -3.05 -14.21 0.89
N GLU B 46 -2.90 -12.89 0.86
CA GLU B 46 -4.01 -12.02 0.49
C GLU B 46 -4.35 -12.12 -1.00
N ALA B 47 -3.34 -12.36 -1.84
CA ALA B 47 -3.56 -12.49 -3.30
C ALA B 47 -3.91 -13.92 -3.74
N ASP B 48 -3.71 -14.87 -2.84
CA ASP B 48 -3.77 -16.29 -3.17
C ASP B 48 -5.20 -16.84 -3.15
N ILE B 49 -5.93 -16.61 -4.23
CA ILE B 49 -7.34 -17.02 -4.27
C ILE B 49 -7.56 -18.52 -4.11
N ASP B 50 -6.75 -19.36 -4.76
CA ASP B 50 -7.07 -20.79 -4.73
C ASP B 50 -6.42 -21.49 -3.57
N GLY B 51 -5.70 -20.73 -2.77
CA GLY B 51 -5.19 -21.22 -1.50
C GLY B 51 -4.04 -22.18 -1.59
N ASP B 52 -3.37 -22.23 -2.73
CA ASP B 52 -2.31 -23.19 -2.96
C ASP B 52 -0.95 -22.71 -2.46
N GLY B 53 -0.92 -21.52 -1.85
CA GLY B 53 0.28 -21.01 -1.21
C GLY B 53 1.19 -20.11 -2.03
N GLN B 54 0.80 -19.83 -3.27
CA GLN B 54 1.58 -18.91 -4.12
C GLN B 54 0.66 -18.26 -5.18
N VAL B 55 1.20 -17.38 -6.01
CA VAL B 55 0.31 -16.55 -6.85
C VAL B 55 0.59 -16.89 -8.32
N ASN B 56 -0.40 -17.45 -9.01
CA ASN B 56 -0.26 -17.73 -10.44
C ASN B 56 -0.74 -16.50 -11.22
N TYR B 57 -0.68 -16.57 -12.54
CA TYR B 57 -0.96 -15.39 -13.34
C TYR B 57 -2.42 -14.99 -13.19
N GLU B 58 -3.30 -15.98 -13.13
CA GLU B 58 -4.75 -15.74 -13.00
C GLU B 58 -5.00 -14.90 -11.75
N GLU B 59 -4.36 -15.28 -10.65
CA GLU B 59 -4.55 -14.54 -9.41
C GLU B 59 -3.90 -13.17 -9.52
N PHE B 60 -2.71 -13.12 -10.14
CA PHE B 60 -1.95 -11.88 -10.26
C PHE B 60 -2.78 -10.81 -10.97
N VAL B 61 -3.41 -11.17 -12.08
CA VAL B 61 -4.12 -10.18 -12.88
C VAL B 61 -5.39 -9.69 -12.17
N GLN B 62 -6.07 -10.55 -11.40
CA GLN B 62 -7.20 -10.09 -10.60
C GLN B 62 -6.75 -9.04 -9.60
N MET B 63 -5.62 -9.30 -8.96
CA MET B 63 -5.10 -8.34 -7.99
C MET B 63 -4.70 -7.01 -8.65
N MET B 64 -4.00 -7.08 -9.79
CA MET B 64 -3.58 -5.86 -10.47
C MET B 64 -4.72 -5.04 -11.09
N THR B 65 -5.88 -5.64 -11.31
CA THR B 65 -6.93 -4.93 -12.01
C THR B 65 -8.10 -4.60 -11.10
N ALA B 66 -8.13 -5.23 -9.92
CA ALA B 66 -9.14 -4.91 -8.91
C ALA B 66 -9.12 -3.41 -8.58
#